data_1BKJ
#
_entry.id   1BKJ
#
_cell.length_a   51.200
_cell.length_b   85.900
_cell.length_c   58.100
_cell.angle_alpha   90.00
_cell.angle_beta   109.30
_cell.angle_gamma   90.00
#
_symmetry.space_group_name_H-M   'P 1 21 1'
#
loop_
_entity.id
_entity.type
_entity.pdbx_description
1 polymer 'NADPH-FLAVIN OXIDOREDUCTASE'
2 non-polymer 'PHOSPHATE ION'
3 non-polymer 'FLAVIN MONONUCLEOTIDE'
4 water water
#
_entity_poly.entity_id   1
_entity_poly.type   'polypeptide(L)'
_entity_poly.pdbx_seq_one_letter_code
;MNNTIETILAHRSIRKFTAVPITDEQRQTIIQAGLAASSSSMLQVVSIVRVTDSEKRNELAQFAGNQAYVESAAEFLVFC
IDYQRHATINPDVQADFTELTLIGAVDSGIMAQNCLLAAESMGLGGVYIGGLRNSAAQVDELLGLPENSAVLFGMCLGHP
DQNPEVKPRLPAHVVVHENQYQELNLDDIQSYDQTMQAYYASRTSNQKLSTWSQEVTGKLAGESRPHILPYLNSKGLAKR
;
_entity_poly.pdbx_strand_id   A,B
#
loop_
_chem_comp.id
_chem_comp.type
_chem_comp.name
_chem_comp.formula
FMN non-polymer 'FLAVIN MONONUCLEOTIDE' 'C17 H21 N4 O9 P'
PO4 non-polymer 'PHOSPHATE ION' 'O4 P -3'
#
# COMPACT_ATOMS: atom_id res chain seq x y z
N ASN A 2 6.55 22.48 -5.05
CA ASN A 2 6.87 21.84 -6.33
C ASN A 2 5.64 21.16 -6.95
N ASN A 3 5.77 20.70 -8.21
CA ASN A 3 4.65 20.07 -8.91
C ASN A 3 4.22 18.73 -8.34
N THR A 4 5.15 17.99 -7.71
CA THR A 4 4.87 16.68 -7.09
C THR A 4 3.95 16.81 -5.89
N ILE A 5 4.24 17.76 -5.00
CA ILE A 5 3.43 17.99 -3.81
C ILE A 5 2.06 18.60 -4.17
N GLU A 6 2.02 19.48 -5.18
CA GLU A 6 0.77 20.11 -5.64
C GLU A 6 -0.17 19.04 -6.22
N THR A 7 0.40 18.05 -6.90
CA THR A 7 -0.35 16.93 -7.48
C THR A 7 -0.92 16.02 -6.38
N ILE A 8 -0.09 15.66 -5.40
CA ILE A 8 -0.51 14.82 -4.26
C ILE A 8 -1.67 15.46 -3.48
N LEU A 9 -1.55 16.76 -3.21
CA LEU A 9 -2.55 17.51 -2.47
C LEU A 9 -3.82 17.90 -3.23
N ALA A 10 -3.80 17.80 -4.56
CA ALA A 10 -4.95 18.16 -5.40
C ALA A 10 -5.84 16.97 -5.72
N HIS A 11 -5.50 15.80 -5.16
CA HIS A 11 -6.26 14.56 -5.40
C HIS A 11 -7.72 14.57 -4.95
N ARG A 12 -8.54 13.97 -5.80
CA ARG A 12 -9.94 13.66 -5.51
C ARG A 12 -10.27 12.49 -6.45
N SER A 13 -11.06 11.55 -5.95
CA SER A 13 -11.46 10.40 -6.75
C SER A 13 -12.45 10.83 -7.81
N ILE A 14 -12.19 10.39 -9.04
CA ILE A 14 -13.00 10.71 -10.21
C ILE A 14 -13.80 9.47 -10.58
N ARG A 15 -15.11 9.65 -10.69
CA ARG A 15 -16.04 8.58 -10.99
C ARG A 15 -16.89 8.80 -12.24
N LYS A 16 -16.48 9.75 -13.09
CA LYS A 16 -17.15 10.02 -14.36
C LYS A 16 -16.06 10.38 -15.36
N PHE A 17 -16.06 9.67 -16.49
CA PHE A 17 -15.03 9.85 -17.52
C PHE A 17 -15.60 10.10 -18.89
N THR A 18 -14.81 10.76 -19.75
CA THR A 18 -15.20 10.98 -21.14
C THR A 18 -14.71 9.73 -21.92
N ALA A 19 -15.03 9.65 -23.20
CA ALA A 19 -14.66 8.52 -24.07
C ALA A 19 -13.26 8.63 -24.69
N VAL A 20 -12.53 9.70 -24.38
CA VAL A 20 -11.19 9.93 -24.93
C VAL A 20 -10.20 8.88 -24.35
N PRO A 21 -9.53 8.09 -25.22
CA PRO A 21 -8.60 7.09 -24.69
C PRO A 21 -7.28 7.63 -24.15
N ILE A 22 -6.58 6.79 -23.39
CA ILE A 22 -5.27 7.11 -22.84
C ILE A 22 -4.33 6.58 -23.93
N THR A 23 -3.31 7.36 -24.28
CA THR A 23 -2.36 6.96 -25.30
C THR A 23 -1.43 5.84 -24.82
N ASP A 24 -0.82 5.13 -25.77
CA ASP A 24 0.11 4.04 -25.46
C ASP A 24 1.32 4.55 -24.66
N GLU A 25 1.79 5.76 -25.00
CA GLU A 25 2.93 6.38 -24.32
C GLU A 25 2.59 6.72 -22.87
N GLN A 26 1.37 7.22 -22.64
CA GLN A 26 0.91 7.57 -21.29
C GLN A 26 0.72 6.31 -20.45
N ARG A 27 0.18 5.25 -21.05
CA ARG A 27 -0.05 3.99 -20.35
C ARG A 27 1.26 3.32 -19.97
N GLN A 28 2.23 3.35 -20.88
CA GLN A 28 3.56 2.75 -20.66
C GLN A 28 4.29 3.50 -19.56
N THR A 29 4.06 4.81 -19.47
CA THR A 29 4.66 5.66 -18.44
C THR A 29 4.02 5.41 -17.04
N ILE A 30 2.70 5.19 -17.01
CA ILE A 30 1.97 4.90 -15.77
C ILE A 30 2.46 3.59 -15.15
N ILE A 31 2.66 2.59 -16.01
CA ILE A 31 3.17 1.26 -15.61
C ILE A 31 4.63 1.38 -15.15
N GLN A 32 5.46 2.14 -15.88
CA GLN A 32 6.86 2.35 -15.48
C GLN A 32 6.96 3.04 -14.12
N ALA A 33 6.06 4.00 -13.87
CA ALA A 33 6.00 4.72 -12.61
C ALA A 33 5.67 3.74 -11.48
N GLY A 34 4.75 2.81 -11.77
CA GLY A 34 4.38 1.78 -10.82
C GLY A 34 5.55 0.85 -10.54
N LEU A 35 6.27 0.45 -11.59
CA LEU A 35 7.42 -0.45 -11.46
C LEU A 35 8.58 0.15 -10.65
N ALA A 36 8.69 1.47 -10.66
CA ALA A 36 9.72 2.22 -9.94
C ALA A 36 9.49 2.26 -8.41
N ALA A 37 8.37 1.71 -7.94
CA ALA A 37 8.03 1.67 -6.51
C ALA A 37 8.96 0.73 -5.72
N SER A 38 9.14 1.01 -4.43
CA SER A 38 9.95 0.15 -3.55
C SER A 38 9.29 -1.22 -3.48
N SER A 39 10.08 -2.26 -3.24
CA SER A 39 9.57 -3.62 -3.19
C SER A 39 10.22 -4.33 -2.00
N SER A 40 9.39 -4.96 -1.15
CA SER A 40 9.88 -5.69 0.03
C SER A 40 10.81 -6.82 -0.36
N SER A 41 12.06 -6.73 0.09
CA SER A 41 13.14 -7.71 -0.18
C SER A 41 13.38 -7.94 -1.69
N MET A 42 12.95 -6.96 -2.49
CA MET A 42 13.02 -7.00 -3.97
C MET A 42 12.31 -8.26 -4.52
N LEU A 43 11.30 -8.73 -3.79
CA LEU A 43 10.54 -9.93 -4.12
C LEU A 43 9.66 -9.77 -5.35
N GLN A 44 9.25 -8.52 -5.63
CA GLN A 44 8.40 -8.16 -6.77
C GLN A 44 7.16 -9.08 -6.85
N VAL A 45 6.29 -8.92 -5.84
CA VAL A 45 5.10 -9.75 -5.66
C VAL A 45 3.75 -9.26 -6.19
N VAL A 46 3.80 -8.22 -7.02
CA VAL A 46 2.58 -7.64 -7.59
C VAL A 46 2.44 -7.93 -9.09
N SER A 47 1.21 -8.28 -9.47
CA SER A 47 0.87 -8.51 -10.87
C SER A 47 -0.32 -7.61 -11.18
N ILE A 48 -0.31 -7.03 -12.38
CA ILE A 48 -1.38 -6.16 -12.83
C ILE A 48 -2.08 -6.83 -14.00
N VAL A 49 -3.41 -6.88 -13.97
CA VAL A 49 -4.17 -7.43 -15.09
C VAL A 49 -4.87 -6.24 -15.73
N ARG A 50 -4.47 -5.91 -16.96
CA ARG A 50 -5.07 -4.82 -17.74
C ARG A 50 -6.27 -5.44 -18.48
N VAL A 51 -7.47 -4.91 -18.21
CA VAL A 51 -8.68 -5.44 -18.82
C VAL A 51 -9.19 -4.57 -19.97
N THR A 52 -8.99 -5.05 -21.21
CA THR A 52 -9.43 -4.33 -22.40
C THR A 52 -10.69 -4.91 -23.05
N ASP A 53 -10.94 -6.19 -22.79
CA ASP A 53 -12.09 -6.89 -23.34
C ASP A 53 -13.38 -6.27 -22.76
N SER A 54 -14.21 -5.68 -23.63
CA SER A 54 -15.44 -5.00 -23.17
C SER A 54 -16.48 -5.87 -22.47
N GLU A 55 -16.46 -7.18 -22.72
CA GLU A 55 -17.38 -8.11 -22.06
C GLU A 55 -16.88 -8.43 -20.65
N LYS A 56 -15.56 -8.53 -20.49
CA LYS A 56 -14.97 -8.78 -19.17
C LYS A 56 -15.16 -7.55 -18.28
N ARG A 57 -15.10 -6.36 -18.89
CA ARG A 57 -15.30 -5.06 -18.20
C ARG A 57 -16.72 -4.87 -17.69
N ASN A 58 -17.70 -5.38 -18.45
CA ASN A 58 -19.11 -5.29 -18.09
C ASN A 58 -19.35 -6.23 -16.89
N GLU A 59 -18.71 -7.40 -16.92
CA GLU A 59 -18.83 -8.39 -15.85
C GLU A 59 -18.12 -7.88 -14.58
N LEU A 60 -16.99 -7.18 -14.75
CA LEU A 60 -16.23 -6.62 -13.62
C LEU A 60 -16.95 -5.46 -12.93
N ALA A 61 -17.71 -4.68 -13.69
CA ALA A 61 -18.48 -3.56 -13.14
C ALA A 61 -19.57 -4.09 -12.22
N GLN A 62 -20.15 -5.23 -12.60
CA GLN A 62 -21.18 -5.90 -11.82
C GLN A 62 -20.56 -6.51 -10.57
N PHE A 63 -19.41 -7.14 -10.74
CA PHE A 63 -18.70 -7.77 -9.64
C PHE A 63 -18.16 -6.78 -8.63
N ALA A 64 -18.07 -5.51 -9.03
CA ALA A 64 -17.61 -4.43 -8.18
C ALA A 64 -18.78 -3.79 -7.43
N GLY A 65 -20.00 -4.26 -7.71
CA GLY A 65 -21.21 -3.74 -7.07
C GLY A 65 -21.91 -2.72 -7.92
N ASN A 66 -21.99 -3.03 -9.23
CA ASN A 66 -22.61 -2.17 -10.25
C ASN A 66 -22.04 -0.74 -10.26
N GLN A 67 -20.71 -0.66 -10.25
CA GLN A 67 -20.02 0.63 -10.30
C GLN A 67 -19.73 0.86 -11.78
N ALA A 68 -20.60 1.64 -12.43
CA ALA A 68 -20.55 1.94 -13.86
C ALA A 68 -19.23 2.46 -14.46
N TYR A 69 -18.49 3.23 -13.67
CA TYR A 69 -17.21 3.77 -14.10
C TYR A 69 -16.10 2.73 -14.33
N VAL A 70 -16.37 1.47 -13.97
CA VAL A 70 -15.42 0.39 -14.23
C VAL A 70 -15.53 0.07 -15.72
N GLU A 71 -16.73 0.22 -16.29
CA GLU A 71 -16.94 -0.02 -17.72
C GLU A 71 -16.62 1.19 -18.58
N SER A 72 -16.91 2.40 -18.09
CA SER A 72 -16.68 3.64 -18.86
C SER A 72 -15.26 4.22 -18.83
N ALA A 73 -14.44 3.77 -17.87
CA ALA A 73 -13.04 4.22 -17.76
C ALA A 73 -12.24 3.83 -19.01
N ALA A 74 -11.28 4.68 -19.39
CA ALA A 74 -10.41 4.42 -20.55
C ALA A 74 -9.54 3.18 -20.28
N GLU A 75 -9.08 3.03 -19.03
CA GLU A 75 -8.26 1.89 -18.61
C GLU A 75 -8.71 1.32 -17.26
N PHE A 76 -8.73 0.00 -17.12
CA PHE A 76 -9.05 -0.65 -15.87
C PHE A 76 -7.96 -1.66 -15.55
N LEU A 77 -7.24 -1.39 -14.45
CA LEU A 77 -6.11 -2.22 -13.98
C LEU A 77 -6.50 -2.95 -12.70
N VAL A 78 -6.21 -4.25 -12.62
CA VAL A 78 -6.52 -5.06 -11.43
C VAL A 78 -5.19 -5.47 -10.78
N PHE A 79 -5.01 -5.08 -9.52
CA PHE A 79 -3.80 -5.38 -8.76
C PHE A 79 -3.96 -6.64 -7.98
N CYS A 80 -2.99 -7.54 -8.18
CA CYS A 80 -3.01 -8.85 -7.56
C CYS A 80 -1.72 -9.24 -6.86
N ILE A 81 -1.87 -10.03 -5.78
CA ILE A 81 -0.73 -10.60 -5.04
C ILE A 81 -0.30 -11.75 -5.97
N ASP A 82 1.01 -11.91 -6.18
CA ASP A 82 1.49 -12.97 -7.05
C ASP A 82 2.75 -13.67 -6.55
N TYR A 83 2.60 -14.89 -6.05
CA TYR A 83 3.72 -15.71 -5.64
C TYR A 83 3.82 -16.92 -6.58
N GLN A 84 3.05 -16.88 -7.67
CA GLN A 84 3.09 -17.93 -8.66
C GLN A 84 4.37 -17.82 -9.52
N ARG A 85 4.86 -16.59 -9.70
CA ARG A 85 6.11 -16.38 -10.44
C ARG A 85 7.25 -17.12 -9.73
N HIS A 86 7.27 -16.96 -8.41
CA HIS A 86 8.28 -17.56 -7.54
C HIS A 86 8.16 -19.08 -7.49
N ALA A 87 6.91 -19.57 -7.42
CA ALA A 87 6.60 -21.00 -7.37
C ALA A 87 6.94 -21.71 -8.69
N THR A 88 6.89 -20.97 -9.79
CA THR A 88 7.22 -21.51 -11.13
C THR A 88 8.75 -21.64 -11.25
N ILE A 89 9.49 -20.68 -10.68
CA ILE A 89 10.96 -20.68 -10.68
C ILE A 89 11.48 -21.83 -9.76
N ASN A 90 10.90 -21.95 -8.58
CA ASN A 90 11.27 -22.97 -7.59
C ASN A 90 9.97 -23.45 -6.92
N PRO A 91 9.61 -24.74 -7.10
CA PRO A 91 8.39 -25.33 -6.52
C PRO A 91 8.41 -25.51 -5.00
N ASP A 92 9.57 -25.33 -4.38
CA ASP A 92 9.72 -25.46 -2.92
C ASP A 92 9.30 -24.23 -2.13
N VAL A 93 8.91 -23.16 -2.83
CA VAL A 93 8.45 -21.90 -2.23
C VAL A 93 7.21 -22.16 -1.35
N GLN A 94 7.27 -21.66 -0.12
CA GLN A 94 6.18 -21.76 0.87
C GLN A 94 5.53 -20.38 0.88
N ALA A 95 4.44 -20.26 0.13
CA ALA A 95 3.69 -19.00 -0.02
C ALA A 95 2.50 -18.77 0.93
N ASP A 96 2.24 -19.72 1.82
CA ASP A 96 1.09 -19.66 2.74
C ASP A 96 1.18 -18.91 4.07
N PHE A 97 2.34 -18.33 4.37
CA PHE A 97 2.49 -17.57 5.59
C PHE A 97 1.82 -16.19 5.44
N THR A 98 1.04 -15.79 6.46
CA THR A 98 0.32 -14.50 6.48
C THR A 98 1.23 -13.30 6.20
N GLU A 99 2.52 -13.42 6.58
CA GLU A 99 3.54 -12.39 6.33
C GLU A 99 3.61 -12.03 4.85
N LEU A 100 3.52 -13.06 4.02
CA LEU A 100 3.58 -12.90 2.57
C LEU A 100 2.36 -12.21 1.96
N THR A 101 1.21 -12.39 2.59
CA THR A 101 -0.03 -11.73 2.18
C THR A 101 0.04 -10.26 2.63
N LEU A 102 0.66 -10.00 3.79
CA LEU A 102 0.84 -8.63 4.28
C LEU A 102 1.75 -7.87 3.36
N ILE A 103 2.82 -8.54 2.89
CA ILE A 103 3.79 -7.93 1.95
C ILE A 103 3.07 -7.65 0.63
N GLY A 104 2.26 -8.62 0.17
CA GLY A 104 1.50 -8.46 -1.06
C GLY A 104 0.55 -7.27 -1.03
N ALA A 105 -0.15 -7.07 0.10
CA ALA A 105 -1.08 -5.95 0.27
C ALA A 105 -0.39 -4.59 0.40
N VAL A 106 0.68 -4.53 1.19
CA VAL A 106 1.44 -3.29 1.39
C VAL A 106 2.10 -2.87 0.06
N ASP A 107 2.81 -3.80 -0.58
CA ASP A 107 3.50 -3.51 -1.84
C ASP A 107 2.55 -3.14 -2.99
N SER A 108 1.34 -3.70 -3.00
CA SER A 108 0.32 -3.40 -4.03
C SER A 108 -0.15 -1.96 -3.87
N GLY A 109 -0.33 -1.53 -2.63
CA GLY A 109 -0.74 -0.17 -2.31
C GLY A 109 0.32 0.85 -2.73
N ILE A 110 1.60 0.55 -2.45
CA ILE A 110 2.73 1.41 -2.82
C ILE A 110 2.79 1.55 -4.36
N MET A 111 2.77 0.43 -5.06
CA MET A 111 2.82 0.42 -6.52
C MET A 111 1.65 1.16 -7.17
N ALA A 112 0.43 0.86 -6.71
CA ALA A 112 -0.79 1.47 -7.23
C ALA A 112 -0.83 2.98 -7.04
N GLN A 113 -0.30 3.46 -5.91
CA GLN A 113 -0.27 4.89 -5.67
C GLN A 113 0.68 5.60 -6.61
N ASN A 114 1.75 4.92 -7.01
CA ASN A 114 2.70 5.48 -7.97
C ASN A 114 2.01 5.61 -9.34
N CYS A 115 1.24 4.58 -9.71
CA CYS A 115 0.47 4.54 -10.97
C CYS A 115 -0.54 5.66 -11.02
N LEU A 116 -1.32 5.81 -9.93
CA LEU A 116 -2.33 6.86 -9.82
C LEU A 116 -1.75 8.26 -9.85
N LEU A 117 -0.65 8.48 -9.09
CA LEU A 117 0.02 9.78 -9.07
C LEU A 117 0.58 10.17 -10.45
N ALA A 118 1.15 9.21 -11.16
CA ALA A 118 1.68 9.43 -12.50
C ALA A 118 0.51 9.87 -13.40
N ALA A 119 -0.61 9.16 -13.30
CA ALA A 119 -1.81 9.49 -14.08
C ALA A 119 -2.36 10.88 -13.78
N GLU A 120 -2.49 11.21 -12.50
CA GLU A 120 -2.99 12.52 -12.04
C GLU A 120 -2.09 13.69 -12.48
N SER A 121 -0.77 13.45 -12.54
CA SER A 121 0.17 14.47 -12.96
C SER A 121 0.07 14.82 -14.44
N MET A 122 -0.54 13.91 -15.20
CA MET A 122 -0.77 14.05 -16.66
C MET A 122 -2.15 14.62 -16.94
N GLY A 123 -2.90 14.92 -15.89
CA GLY A 123 -4.23 15.49 -16.05
C GLY A 123 -5.33 14.45 -16.11
N LEU A 124 -4.98 13.18 -15.89
CA LEU A 124 -5.96 12.10 -15.88
C LEU A 124 -6.58 11.99 -14.48
N GLY A 125 -7.70 11.28 -14.41
CA GLY A 125 -8.37 11.09 -13.15
C GLY A 125 -8.43 9.60 -12.86
N GLY A 126 -8.75 9.26 -11.61
CA GLY A 126 -8.84 7.86 -11.23
C GLY A 126 -9.51 7.58 -9.89
N VAL A 127 -9.78 6.30 -9.65
CA VAL A 127 -10.41 5.85 -8.43
C VAL A 127 -10.06 4.39 -8.20
N TYR A 128 -9.74 4.05 -6.96
CA TYR A 128 -9.44 2.66 -6.60
C TYR A 128 -10.78 1.94 -6.50
N ILE A 129 -10.80 0.63 -6.79
CA ILE A 129 -12.03 -0.17 -6.73
C ILE A 129 -11.80 -1.41 -5.84
N GLY A 130 -12.10 -1.27 -4.55
CA GLY A 130 -11.96 -2.37 -3.60
C GLY A 130 -13.20 -3.24 -3.57
N GLY A 131 -14.26 -2.78 -4.24
CA GLY A 131 -15.52 -3.47 -4.33
C GLY A 131 -15.45 -4.86 -4.95
N LEU A 132 -14.41 -5.11 -5.75
CA LEU A 132 -14.17 -6.40 -6.39
C LEU A 132 -14.04 -7.55 -5.40
N ARG A 133 -13.59 -7.22 -4.18
CA ARG A 133 -13.39 -8.22 -3.10
C ARG A 133 -14.67 -8.86 -2.57
N ASN A 134 -15.81 -8.18 -2.77
CA ASN A 134 -17.10 -8.72 -2.33
C ASN A 134 -17.55 -9.92 -3.21
N SER A 135 -16.96 -10.02 -4.40
CA SER A 135 -17.18 -11.10 -5.37
C SER A 135 -15.81 -11.65 -5.77
N ALA A 136 -14.91 -11.80 -4.79
CA ALA A 136 -13.53 -12.25 -4.99
C ALA A 136 -13.31 -13.53 -5.80
N ALA A 137 -13.98 -14.62 -5.44
CA ALA A 137 -13.85 -15.91 -6.14
C ALA A 137 -14.30 -15.83 -7.62
N GLN A 138 -15.35 -15.06 -7.89
CA GLN A 138 -15.84 -14.90 -9.25
C GLN A 138 -14.90 -14.05 -10.13
N VAL A 139 -14.32 -12.99 -9.55
CA VAL A 139 -13.36 -12.12 -10.25
C VAL A 139 -12.08 -12.91 -10.54
N ASP A 140 -11.65 -13.70 -9.56
CA ASP A 140 -10.46 -14.56 -9.63
C ASP A 140 -10.55 -15.57 -10.78
N GLU A 141 -11.72 -16.18 -10.94
CA GLU A 141 -11.96 -17.17 -11.99
C GLU A 141 -12.02 -16.49 -13.37
N LEU A 142 -12.62 -15.29 -13.41
CA LEU A 142 -12.76 -14.51 -14.65
C LEU A 142 -11.42 -14.11 -15.25
N LEU A 143 -10.49 -13.76 -14.36
CA LEU A 143 -9.14 -13.36 -14.75
C LEU A 143 -8.16 -14.54 -14.88
N GLY A 144 -8.62 -15.73 -14.50
CA GLY A 144 -7.81 -16.94 -14.58
C GLY A 144 -6.58 -16.97 -13.68
N LEU A 145 -6.71 -16.35 -12.50
CA LEU A 145 -5.61 -16.29 -11.53
C LEU A 145 -5.28 -17.69 -11.00
N PRO A 146 -4.01 -18.10 -11.07
CA PRO A 146 -3.56 -19.42 -10.61
C PRO A 146 -3.42 -19.53 -9.09
N GLU A 147 -2.90 -20.66 -8.61
CA GLU A 147 -2.65 -20.86 -7.18
C GLU A 147 -1.53 -19.86 -6.78
N ASN A 148 -1.52 -19.43 -5.51
CA ASN A 148 -0.55 -18.47 -4.93
C ASN A 148 -0.73 -17.03 -5.44
N SER A 149 -1.94 -16.76 -5.91
CA SER A 149 -2.31 -15.47 -6.46
C SER A 149 -3.72 -15.11 -5.98
N ALA A 150 -3.97 -13.82 -5.72
CA ALA A 150 -5.29 -13.36 -5.27
C ALA A 150 -5.54 -11.92 -5.69
N VAL A 151 -6.82 -11.58 -5.91
CA VAL A 151 -7.20 -10.22 -6.31
C VAL A 151 -7.32 -9.34 -5.07
N LEU A 152 -6.85 -8.10 -5.18
CA LEU A 152 -6.92 -7.14 -4.09
C LEU A 152 -7.83 -5.95 -4.41
N PHE A 153 -7.55 -5.26 -5.51
CA PHE A 153 -8.39 -4.13 -5.91
C PHE A 153 -8.15 -3.79 -7.37
N GLY A 154 -9.05 -2.98 -7.91
CA GLY A 154 -8.93 -2.51 -9.27
C GLY A 154 -8.64 -1.02 -9.26
N MET A 155 -8.48 -0.43 -10.44
CA MET A 155 -8.23 1.01 -10.57
C MET A 155 -8.75 1.51 -11.91
N CYS A 156 -9.61 2.52 -11.85
CA CYS A 156 -10.17 3.16 -13.04
C CYS A 156 -9.30 4.36 -13.38
N LEU A 157 -8.95 4.52 -14.65
CA LEU A 157 -8.16 5.66 -15.13
C LEU A 157 -8.81 6.22 -16.39
N GLY A 158 -8.73 7.54 -16.56
CA GLY A 158 -9.29 8.19 -17.74
C GLY A 158 -9.36 9.69 -17.61
N HIS A 159 -9.91 10.33 -18.63
CA HIS A 159 -10.06 11.79 -18.62
C HIS A 159 -11.33 12.18 -17.86
N PRO A 160 -11.20 13.08 -16.84
CA PRO A 160 -12.32 13.53 -16.01
C PRO A 160 -13.51 14.19 -16.69
N ASP A 161 -14.71 13.85 -16.22
CA ASP A 161 -15.94 14.47 -16.71
C ASP A 161 -16.75 14.94 -15.50
N GLN A 162 -16.02 15.31 -14.45
CA GLN A 162 -16.56 15.86 -13.21
C GLN A 162 -15.41 16.52 -12.46
N ASN A 163 -15.72 17.50 -11.63
CA ASN A 163 -14.71 18.21 -10.84
C ASN A 163 -15.16 18.32 -9.37
N PRO A 164 -15.03 17.23 -8.57
CA PRO A 164 -15.42 17.23 -7.15
C PRO A 164 -14.46 18.06 -6.30
N GLU A 165 -14.92 18.45 -5.13
CA GLU A 165 -14.11 19.24 -4.21
C GLU A 165 -13.27 18.28 -3.38
N VAL A 166 -12.09 18.74 -2.96
CA VAL A 166 -11.17 17.93 -2.15
C VAL A 166 -11.83 17.62 -0.79
N LYS A 167 -11.82 16.34 -0.43
CA LYS A 167 -12.41 15.84 0.82
C LYS A 167 -11.46 16.01 2.01
N PRO A 168 -11.94 16.67 3.10
CA PRO A 168 -11.05 16.85 4.28
C PRO A 168 -10.81 15.54 5.05
N ARG A 169 -9.62 15.40 5.62
CA ARG A 169 -9.26 14.21 6.39
C ARG A 169 -9.14 14.59 7.84
N LEU A 170 -8.99 13.58 8.70
CA LEU A 170 -8.79 13.78 10.14
C LEU A 170 -7.54 14.66 10.28
N PRO A 171 -7.49 15.55 11.30
CA PRO A 171 -6.29 16.39 11.42
C PRO A 171 -5.03 15.60 11.84
N ALA A 172 -3.87 16.14 11.47
CA ALA A 172 -2.58 15.53 11.75
C ALA A 172 -2.33 15.23 13.22
N HIS A 173 -2.88 16.03 14.13
CA HIS A 173 -2.69 15.77 15.57
C HIS A 173 -3.45 14.53 16.10
N VAL A 174 -4.39 14.00 15.30
CA VAL A 174 -5.17 12.80 15.62
C VAL A 174 -4.43 11.57 15.07
N VAL A 175 -4.06 11.62 13.79
CA VAL A 175 -3.38 10.52 13.07
C VAL A 175 -1.91 10.32 13.49
N VAL A 176 -1.19 11.42 13.75
CA VAL A 176 0.23 11.36 14.15
C VAL A 176 0.41 11.42 15.68
N HIS A 177 1.14 10.42 16.17
CA HIS A 177 1.46 10.25 17.58
C HIS A 177 2.96 10.46 17.77
N GLU A 178 3.35 11.04 18.90
CA GLU A 178 4.77 11.26 19.22
C GLU A 178 5.24 10.26 20.27
N ASN A 179 6.17 9.38 19.86
CA ASN A 179 6.81 8.35 20.69
C ASN A 179 5.99 7.21 21.29
N GLN A 180 4.76 7.50 21.70
CA GLN A 180 3.86 6.50 22.28
C GLN A 180 2.46 6.82 21.77
N TYR A 181 1.60 5.80 21.66
CA TYR A 181 0.23 6.00 21.21
C TYR A 181 -0.56 6.85 22.23
N GLN A 182 -1.22 7.90 21.73
CA GLN A 182 -2.03 8.83 22.52
C GLN A 182 -3.51 8.47 22.45
N GLU A 183 -4.21 8.46 23.59
CA GLU A 183 -5.65 8.16 23.65
C GLU A 183 -6.44 9.22 22.87
N LEU A 184 -7.56 8.79 22.27
CA LEU A 184 -8.43 9.65 21.46
C LEU A 184 -9.27 10.64 22.26
N ASN A 185 -9.28 11.88 21.78
CA ASN A 185 -10.09 12.94 22.37
C ASN A 185 -11.33 13.02 21.46
N LEU A 186 -12.48 12.60 21.99
CA LEU A 186 -13.74 12.59 21.25
C LEU A 186 -14.22 13.95 20.73
N ASP A 187 -13.66 15.03 21.28
CA ASP A 187 -13.98 16.40 20.85
C ASP A 187 -13.41 16.68 19.45
N ASP A 188 -12.36 15.94 19.08
CA ASP A 188 -11.71 16.04 17.77
C ASP A 188 -12.55 15.34 16.70
N ILE A 189 -13.23 14.28 17.10
CA ILE A 189 -14.10 13.50 16.24
C ILE A 189 -15.38 14.32 15.96
N GLN A 190 -15.84 15.06 16.98
CA GLN A 190 -17.05 15.91 16.88
C GLN A 190 -16.81 17.11 15.95
N SER A 191 -15.58 17.64 15.98
CA SER A 191 -15.17 18.76 15.12
C SER A 191 -15.03 18.31 13.68
N TYR A 192 -14.52 17.09 13.50
CA TYR A 192 -14.36 16.50 12.17
C TYR A 192 -15.73 16.18 11.55
N ASP A 193 -16.67 15.70 12.37
CA ASP A 193 -18.02 15.40 11.94
C ASP A 193 -18.74 16.66 11.45
N GLN A 194 -18.48 17.79 12.11
CA GLN A 194 -19.07 19.07 11.73
C GLN A 194 -18.43 19.60 10.42
N THR A 195 -17.16 19.27 10.21
CA THR A 195 -16.42 19.66 9.00
C THR A 195 -16.95 18.84 7.81
N MET A 196 -17.28 17.56 8.05
CA MET A 196 -17.79 16.69 7.00
C MET A 196 -19.24 16.99 6.62
N GLN A 197 -20.04 17.45 7.59
CA GLN A 197 -21.44 17.82 7.36
C GLN A 197 -21.51 19.05 6.44
N ALA A 198 -20.53 19.95 6.57
CA ALA A 198 -20.42 21.17 5.73
C ALA A 198 -20.08 20.82 4.29
N TYR A 199 -19.25 19.78 4.12
CA TYR A 199 -18.82 19.28 2.80
C TYR A 199 -20.03 18.68 2.07
N TYR A 200 -20.77 17.84 2.78
CA TYR A 200 -21.96 17.18 2.25
C TYR A 200 -23.21 18.07 2.30
N SER A 210 -26.89 11.62 8.60
CA SER A 210 -25.88 10.77 9.26
C SER A 210 -24.44 11.32 9.15
N THR A 211 -23.76 11.40 10.30
CA THR A 211 -22.39 11.90 10.41
C THR A 211 -21.30 10.86 10.00
N TRP A 212 -20.06 11.32 9.79
CA TRP A 212 -18.93 10.44 9.42
C TRP A 212 -18.70 9.31 10.43
N SER A 213 -18.59 9.67 11.71
CA SER A 213 -18.36 8.68 12.76
C SER A 213 -19.47 7.67 12.91
N GLN A 214 -20.71 8.11 12.67
CA GLN A 214 -21.88 7.24 12.75
C GLN A 214 -21.94 6.32 11.53
N GLU A 215 -21.46 6.81 10.38
CA GLU A 215 -21.43 6.04 9.13
C GLU A 215 -20.36 4.94 9.15
N VAL A 216 -19.12 5.30 9.47
CA VAL A 216 -18.01 4.33 9.50
C VAL A 216 -18.06 3.28 10.58
N THR A 217 -18.49 3.66 11.78
CA THR A 217 -18.58 2.70 12.89
C THR A 217 -19.79 1.78 12.75
N GLY A 218 -20.81 2.27 12.03
CA GLY A 218 -22.01 1.50 11.76
C GLY A 218 -21.73 0.40 10.75
N LYS A 219 -20.82 0.68 9.82
CA LYS A 219 -20.40 -0.29 8.79
C LYS A 219 -19.62 -1.42 9.46
N LEU A 220 -18.75 -1.05 10.42
CA LEU A 220 -17.92 -1.98 11.16
C LEU A 220 -18.64 -2.75 12.30
N ALA A 221 -19.83 -2.28 12.67
CA ALA A 221 -20.66 -2.92 13.71
C ALA A 221 -21.24 -4.24 13.19
N GLY A 222 -21.33 -4.35 11.86
CA GLY A 222 -21.82 -5.56 11.23
C GLY A 222 -20.62 -6.36 10.76
N GLU A 223 -20.85 -7.34 9.88
CA GLU A 223 -19.78 -8.18 9.34
C GLU A 223 -19.10 -7.50 8.15
N SER A 224 -17.79 -7.70 8.04
CA SER A 224 -17.01 -7.12 6.96
C SER A 224 -16.48 -8.21 6.06
N ARG A 225 -17.21 -8.50 4.98
CA ARG A 225 -16.84 -9.51 3.97
C ARG A 225 -16.25 -10.81 4.57
N PRO A 226 -17.06 -11.60 5.32
CA PRO A 226 -16.60 -12.84 5.95
C PRO A 226 -15.99 -13.96 5.07
N HIS A 227 -16.22 -13.89 3.76
CA HIS A 227 -15.70 -14.87 2.78
C HIS A 227 -14.23 -14.66 2.38
N ILE A 228 -13.63 -13.54 2.81
CA ILE A 228 -12.26 -13.18 2.47
C ILE A 228 -11.14 -14.14 2.91
N LEU A 229 -11.16 -14.59 4.18
CA LEU A 229 -10.14 -15.56 4.64
C LEU A 229 -10.31 -16.91 3.90
N PRO A 230 -11.56 -17.45 3.75
CA PRO A 230 -11.68 -18.72 3.01
C PRO A 230 -11.22 -18.56 1.54
N TYR A 231 -11.45 -17.37 0.96
CA TYR A 231 -11.01 -17.07 -0.41
C TYR A 231 -9.47 -17.10 -0.50
N LEU A 232 -8.78 -16.39 0.40
CA LEU A 232 -7.32 -16.36 0.41
C LEU A 232 -6.77 -17.78 0.61
N ASN A 233 -7.36 -18.53 1.54
CA ASN A 233 -6.97 -19.92 1.83
C ASN A 233 -7.16 -20.86 0.63
N SER A 234 -8.21 -20.62 -0.17
CA SER A 234 -8.51 -21.42 -1.38
C SER A 234 -7.46 -21.22 -2.47
N LYS A 235 -6.75 -20.09 -2.42
CA LYS A 235 -5.68 -19.78 -3.36
C LYS A 235 -4.31 -20.15 -2.76
N GLY A 236 -4.35 -20.70 -1.55
CA GLY A 236 -3.15 -21.12 -0.85
C GLY A 236 -2.43 -20.04 -0.09
N LEU A 237 -3.12 -18.95 0.21
CA LEU A 237 -2.52 -17.83 0.93
C LEU A 237 -3.04 -17.71 2.36
N ALA A 238 -2.24 -17.10 3.24
CA ALA A 238 -2.58 -16.84 4.64
C ALA A 238 -3.21 -17.99 5.43
N LYS A 239 -2.57 -19.15 5.38
CA LYS A 239 -3.06 -20.34 6.06
C LYS A 239 -2.49 -20.50 7.47
N ARG A 240 -1.41 -19.76 7.73
CA ARG A 240 -0.71 -19.77 9.03
C ARG A 240 0.09 -18.49 9.19
N ASN B 2 7.00 15.67 -16.97
CA ASN B 2 6.70 16.56 -15.84
C ASN B 2 7.49 16.16 -14.61
N ASN B 3 7.47 17.03 -13.60
CA ASN B 3 8.22 16.81 -12.36
C ASN B 3 7.82 15.63 -11.46
N THR B 4 6.53 15.29 -11.36
CA THR B 4 6.05 14.17 -10.52
C THR B 4 6.58 12.83 -11.04
N ILE B 5 6.57 12.67 -12.36
CA ILE B 5 7.04 11.45 -13.02
C ILE B 5 8.57 11.32 -12.93
N GLU B 6 9.27 12.45 -13.03
CA GLU B 6 10.74 12.49 -12.93
C GLU B 6 11.20 12.08 -11.51
N THR B 7 10.44 12.48 -10.49
CA THR B 7 10.71 12.15 -9.08
C THR B 7 10.44 10.66 -8.82
N ILE B 8 9.33 10.14 -9.32
CA ILE B 8 8.95 8.73 -9.17
C ILE B 8 10.00 7.81 -9.77
N LEU B 9 10.43 8.07 -11.00
CA LEU B 9 11.42 7.24 -11.71
C LEU B 9 12.86 7.36 -11.20
N ALA B 10 13.15 8.42 -10.44
CA ALA B 10 14.48 8.68 -9.90
C ALA B 10 14.71 8.07 -8.52
N HIS B 11 13.72 7.34 -8.02
CA HIS B 11 13.82 6.71 -6.71
C HIS B 11 14.87 5.59 -6.58
N ARG B 12 15.50 5.59 -5.41
CA ARG B 12 16.45 4.59 -4.96
C ARG B 12 16.39 4.71 -3.43
N SER B 13 16.48 3.57 -2.74
CA SER B 13 16.45 3.56 -1.27
C SER B 13 17.76 4.14 -0.73
N ILE B 14 17.63 5.10 0.20
CA ILE B 14 18.78 5.77 0.84
C ILE B 14 18.93 5.22 2.25
N ARG B 15 20.12 4.67 2.55
CA ARG B 15 20.42 4.06 3.84
C ARG B 15 21.60 4.71 4.58
N LYS B 16 21.94 5.92 4.17
CA LYS B 16 23.03 6.73 4.74
C LYS B 16 22.57 8.17 4.71
N PHE B 17 22.53 8.78 5.90
CA PHE B 17 22.07 10.16 6.07
C PHE B 17 23.07 11.11 6.76
N THR B 18 22.91 12.41 6.48
CA THR B 18 23.75 13.44 7.10
C THR B 18 23.08 13.80 8.44
N ALA B 19 23.76 14.59 9.27
CA ALA B 19 23.23 14.98 10.57
C ALA B 19 22.28 16.19 10.49
N VAL B 20 22.02 16.69 9.28
CA VAL B 20 21.15 17.86 9.06
C VAL B 20 19.68 17.46 9.28
N PRO B 21 18.95 18.15 10.20
CA PRO B 21 17.54 17.80 10.45
C PRO B 21 16.54 18.23 9.38
N ILE B 22 15.34 17.65 9.44
CA ILE B 22 14.23 17.98 8.55
C ILE B 22 13.50 19.06 9.33
N THR B 23 13.27 20.21 8.70
CA THR B 23 12.60 21.35 9.35
C THR B 23 11.13 21.04 9.62
N ASP B 24 10.50 21.82 10.52
CA ASP B 24 9.09 21.63 10.87
C ASP B 24 8.15 21.85 9.69
N GLU B 25 8.52 22.78 8.80
CA GLU B 25 7.74 23.10 7.60
C GLU B 25 7.80 21.94 6.61
N GLN B 26 8.97 21.28 6.52
CA GLN B 26 9.14 20.12 5.63
C GLN B 26 8.41 18.89 6.14
N ARG B 27 8.45 18.66 7.46
CA ARG B 27 7.79 17.51 8.06
C ARG B 27 6.26 17.59 8.00
N GLN B 28 5.71 18.78 8.23
CA GLN B 28 4.26 19.02 8.20
C GLN B 28 3.67 18.79 6.79
N THR B 29 4.49 19.08 5.78
CA THR B 29 4.14 18.91 4.36
C THR B 29 4.14 17.41 3.99
N ILE B 30 5.13 16.66 4.50
CA ILE B 30 5.27 15.21 4.27
C ILE B 30 4.06 14.47 4.87
N ILE B 31 3.61 14.92 6.05
CA ILE B 31 2.44 14.34 6.74
C ILE B 31 1.16 14.71 5.97
N GLN B 32 1.03 15.99 5.58
CA GLN B 32 -0.15 16.47 4.86
C GLN B 32 -0.28 15.77 3.49
N ALA B 33 0.86 15.34 2.95
CA ALA B 33 0.90 14.62 1.68
C ALA B 33 0.38 13.20 1.90
N GLY B 34 0.74 12.63 3.05
CA GLY B 34 0.29 11.31 3.44
C GLY B 34 -1.22 11.26 3.66
N LEU B 35 -1.76 12.30 4.32
CA LEU B 35 -3.19 12.39 4.59
C LEU B 35 -4.05 12.56 3.32
N ALA B 36 -3.48 13.15 2.27
CA ALA B 36 -4.18 13.38 1.00
C ALA B 36 -4.41 12.10 0.18
N ALA B 37 -3.87 10.99 0.67
CA ALA B 37 -4.01 9.68 0.01
C ALA B 37 -5.44 9.14 0.12
N SER B 38 -5.86 8.34 -0.87
CA SER B 38 -7.19 7.72 -0.89
C SER B 38 -7.34 6.81 0.32
N SER B 39 -8.58 6.64 0.77
CA SER B 39 -8.88 5.82 1.95
C SER B 39 -10.08 4.93 1.66
N SER B 40 -9.93 3.62 1.89
CA SER B 40 -10.99 2.62 1.69
C SER B 40 -12.21 2.95 2.54
N SER B 41 -13.34 3.22 1.86
CA SER B 41 -14.62 3.58 2.51
C SER B 41 -14.53 4.77 3.47
N MET B 42 -13.50 5.59 3.26
CA MET B 42 -13.19 6.77 4.08
C MET B 42 -13.02 6.37 5.59
N LEU B 43 -12.60 5.12 5.81
CA LEU B 43 -12.42 4.56 7.14
C LEU B 43 -11.24 5.15 7.93
N GLN B 44 -10.22 5.63 7.21
CA GLN B 44 -9.02 6.25 7.78
C GLN B 44 -8.46 5.41 8.93
N VAL B 45 -7.90 4.26 8.54
CA VAL B 45 -7.39 3.26 9.48
C VAL B 45 -5.88 3.22 9.69
N VAL B 46 -5.21 4.31 9.32
CA VAL B 46 -3.77 4.39 9.46
C VAL B 46 -3.38 5.38 10.55
N SER B 47 -2.44 4.97 11.40
CA SER B 47 -1.87 5.83 12.44
C SER B 47 -0.36 5.85 12.22
N ILE B 48 0.25 7.00 12.44
CA ILE B 48 1.69 7.17 12.28
C ILE B 48 2.30 7.53 13.64
N VAL B 49 3.33 6.79 14.05
CA VAL B 49 4.03 7.09 15.30
C VAL B 49 5.39 7.68 14.95
N ARG B 50 5.59 8.96 15.28
CA ARG B 50 6.85 9.65 15.04
C ARG B 50 7.76 9.34 16.24
N VAL B 51 8.95 8.78 15.99
CA VAL B 51 9.88 8.44 17.09
C VAL B 51 11.03 9.43 17.18
N THR B 52 10.95 10.32 18.18
CA THR B 52 11.97 11.34 18.41
C THR B 52 12.92 10.99 19.56
N ASP B 53 12.47 10.08 20.42
CA ASP B 53 13.21 9.59 21.58
C ASP B 53 14.40 8.75 21.04
N SER B 54 15.62 9.20 21.35
CA SER B 54 16.85 8.52 20.90
C SER B 54 17.11 7.12 21.48
N GLU B 55 16.60 6.87 22.70
CA GLU B 55 16.73 5.56 23.37
C GLU B 55 15.80 4.55 22.70
N LYS B 56 14.60 5.02 22.30
CA LYS B 56 13.64 4.17 21.59
C LYS B 56 14.15 3.84 20.18
N ARG B 57 14.80 4.81 19.52
CA ARG B 57 15.39 4.64 18.18
C ARG B 57 16.44 3.55 18.17
N ASN B 58 17.31 3.53 19.20
CA ASN B 58 18.37 2.53 19.33
C ASN B 58 17.79 1.12 19.50
N GLU B 59 16.68 1.03 20.24
CA GLU B 59 15.98 -0.24 20.49
C GLU B 59 15.32 -0.74 19.21
N LEU B 60 14.70 0.19 18.47
CA LEU B 60 14.04 -0.12 17.20
C LEU B 60 15.03 -0.55 16.13
N ALA B 61 16.25 -0.01 16.19
CA ALA B 61 17.33 -0.35 15.25
C ALA B 61 17.77 -1.79 15.45
N GLN B 62 17.82 -2.23 16.72
CA GLN B 62 18.20 -3.60 17.10
C GLN B 62 17.05 -4.56 16.79
N PHE B 63 15.81 -4.11 17.00
CA PHE B 63 14.62 -4.92 16.73
C PHE B 63 14.43 -5.15 15.23
N ALA B 64 14.88 -4.18 14.44
CA ALA B 64 14.79 -4.22 12.98
C ALA B 64 15.85 -5.08 12.30
N GLY B 65 16.69 -5.75 13.09
CA GLY B 65 17.75 -6.60 12.54
C GLY B 65 19.07 -5.87 12.38
N ASN B 66 19.38 -5.02 13.36
CA ASN B 66 20.60 -4.20 13.42
C ASN B 66 20.82 -3.28 12.21
N GLN B 67 19.77 -2.52 11.88
CA GLN B 67 19.80 -1.58 10.77
C GLN B 67 20.08 -0.20 11.38
N ALA B 68 21.36 0.19 11.35
CA ALA B 68 21.86 1.45 11.91
C ALA B 68 21.19 2.76 11.45
N TYR B 69 20.71 2.78 10.21
CA TYR B 69 20.05 3.97 9.65
C TYR B 69 18.72 4.34 10.32
N VAL B 70 18.16 3.42 11.11
CA VAL B 70 16.93 3.66 11.87
C VAL B 70 17.31 4.64 13.00
N GLU B 71 18.56 4.55 13.48
CA GLU B 71 19.05 5.44 14.53
C GLU B 71 19.53 6.78 13.97
N SER B 72 20.27 6.76 12.85
CA SER B 72 20.82 7.97 12.23
C SER B 72 19.92 8.81 11.33
N ALA B 73 18.73 8.32 11.00
CA ALA B 73 17.78 9.06 10.15
C ALA B 73 17.27 10.28 10.91
N ALA B 74 16.98 11.36 10.18
CA ALA B 74 16.47 12.59 10.76
C ALA B 74 15.08 12.34 11.36
N GLU B 75 14.27 11.57 10.64
CA GLU B 75 12.91 11.20 11.06
C GLU B 75 12.66 9.72 10.84
N PHE B 76 11.95 9.10 11.79
CA PHE B 76 11.58 7.70 11.69
C PHE B 76 10.10 7.58 12.01
N LEU B 77 9.31 7.28 10.98
CA LEU B 77 7.87 7.17 11.12
C LEU B 77 7.48 5.71 11.10
N VAL B 78 6.55 5.32 11.98
CA VAL B 78 6.06 3.94 12.05
C VAL B 78 4.59 3.93 11.61
N PHE B 79 4.28 3.14 10.58
CA PHE B 79 2.93 3.02 10.05
C PHE B 79 2.22 1.84 10.67
N CYS B 80 1.05 2.12 11.24
CA CYS B 80 0.24 1.13 11.95
C CYS B 80 -1.21 1.05 11.49
N ILE B 81 -1.77 -0.16 11.58
CA ILE B 81 -3.19 -0.40 11.30
C ILE B 81 -3.85 0.12 12.59
N ASP B 82 -4.97 0.84 12.49
CA ASP B 82 -5.62 1.39 13.66
C ASP B 82 -7.15 1.37 13.57
N TYR B 83 -7.75 0.43 14.31
CA TYR B 83 -9.21 0.31 14.41
C TYR B 83 -9.64 0.65 15.85
N GLN B 84 -8.69 1.17 16.64
CA GLN B 84 -8.95 1.56 18.01
C GLN B 84 -9.76 2.86 18.07
N ARG B 85 -9.48 3.78 17.14
CA ARG B 85 -10.23 5.04 17.07
C ARG B 85 -11.71 4.75 16.86
N HIS B 86 -12.00 3.78 16.01
CA HIS B 86 -13.37 3.36 15.69
C HIS B 86 -14.03 2.64 16.88
N ALA B 87 -13.24 1.85 17.59
CA ALA B 87 -13.73 1.11 18.76
C ALA B 87 -13.96 2.05 19.95
N THR B 88 -13.23 3.16 20.01
CA THR B 88 -13.38 4.15 21.07
C THR B 88 -14.70 4.91 20.86
N ILE B 89 -15.03 5.20 19.58
CA ILE B 89 -16.27 5.89 19.21
C ILE B 89 -17.49 4.98 19.44
N ASN B 90 -17.37 3.71 19.05
CA ASN B 90 -18.44 2.73 19.18
C ASN B 90 -17.83 1.39 19.55
N PRO B 91 -18.07 0.91 20.78
CA PRO B 91 -17.54 -0.37 21.28
C PRO B 91 -18.04 -1.63 20.58
N ASP B 92 -19.15 -1.51 19.85
CA ASP B 92 -19.74 -2.65 19.14
C ASP B 92 -19.02 -3.08 17.86
N VAL B 93 -18.01 -2.29 17.46
CA VAL B 93 -17.17 -2.50 16.27
C VAL B 93 -16.47 -3.87 16.26
N GLN B 94 -16.61 -4.60 15.17
CA GLN B 94 -15.98 -5.91 15.02
C GLN B 94 -14.76 -5.66 14.10
N ALA B 95 -13.56 -5.61 14.69
CA ALA B 95 -12.33 -5.34 13.94
C ALA B 95 -11.48 -6.56 13.56
N ASP B 96 -11.98 -7.75 13.89
CA ASP B 96 -11.24 -8.98 13.68
C ASP B 96 -11.28 -9.69 12.35
N PHE B 97 -12.12 -9.22 11.42
CA PHE B 97 -12.22 -9.82 10.08
C PHE B 97 -10.96 -9.54 9.25
N THR B 98 -10.45 -10.57 8.57
CA THR B 98 -9.23 -10.47 7.73
C THR B 98 -9.29 -9.33 6.70
N GLU B 99 -10.49 -9.07 6.19
CA GLU B 99 -10.75 -7.99 5.23
C GLU B 99 -10.24 -6.66 5.78
N LEU B 100 -10.46 -6.45 7.08
CA LEU B 100 -10.04 -5.23 7.75
C LEU B 100 -8.53 -5.08 7.89
N THR B 101 -7.81 -6.20 7.94
CA THR B 101 -6.34 -6.19 8.01
C THR B 101 -5.79 -5.92 6.60
N LEU B 102 -6.48 -6.43 5.57
CA LEU B 102 -6.08 -6.19 4.18
C LEU B 102 -6.24 -4.71 3.84
N ILE B 103 -7.32 -4.08 4.32
CA ILE B 103 -7.60 -2.64 4.12
C ILE B 103 -6.51 -1.83 4.83
N GLY B 104 -6.18 -2.25 6.05
CA GLY B 104 -5.14 -1.60 6.83
C GLY B 104 -3.78 -1.62 6.15
N ALA B 105 -3.41 -2.79 5.60
CA ALA B 105 -2.14 -2.96 4.90
C ALA B 105 -2.07 -2.18 3.58
N VAL B 106 -3.14 -2.27 2.76
CA VAL B 106 -3.20 -1.57 1.48
C VAL B 106 -3.18 -0.05 1.69
N ASP B 107 -4.06 0.44 2.57
CA ASP B 107 -4.14 1.88 2.88
C ASP B 107 -2.87 2.49 3.46
N SER B 108 -2.11 1.69 4.23
CA SER B 108 -0.83 2.12 4.81
C SER B 108 0.23 2.28 3.72
N GLY B 109 0.22 1.36 2.75
CA GLY B 109 1.14 1.38 1.63
C GLY B 109 0.92 2.60 0.76
N ILE B 110 -0.35 2.93 0.52
CA ILE B 110 -0.76 4.09 -0.27
C ILE B 110 -0.33 5.39 0.44
N MET B 111 -0.64 5.49 1.74
CA MET B 111 -0.28 6.67 2.55
C MET B 111 1.23 6.87 2.63
N ALA B 112 1.96 5.81 3.00
CA ALA B 112 3.40 5.83 3.13
C ALA B 112 4.13 6.25 1.88
N GLN B 113 3.61 5.83 0.73
CA GLN B 113 4.21 6.18 -0.56
C GLN B 113 4.09 7.67 -0.90
N ASN B 114 2.98 8.28 -0.49
CA ASN B 114 2.75 9.73 -0.67
C ASN B 114 3.74 10.50 0.22
N CYS B 115 3.99 9.98 1.43
CA CYS B 115 4.95 10.57 2.37
C CYS B 115 6.37 10.53 1.78
N LEU B 116 6.77 9.36 1.25
CA LEU B 116 8.10 9.19 0.65
C LEU B 116 8.29 10.05 -0.61
N LEU B 117 7.29 10.07 -1.50
CA LEU B 117 7.36 10.88 -2.72
C LEU B 117 7.45 12.35 -2.44
N ALA B 118 6.76 12.80 -1.40
CA ALA B 118 6.78 14.19 -0.98
C ALA B 118 8.20 14.54 -0.51
N ALA B 119 8.79 13.64 0.28
CA ALA B 119 10.14 13.80 0.80
C ALA B 119 11.18 13.79 -0.31
N GLU B 120 11.06 12.83 -1.23
CA GLU B 120 11.99 12.70 -2.35
C GLU B 120 11.97 13.91 -3.31
N SER B 121 10.82 14.58 -3.39
CA SER B 121 10.68 15.75 -4.25
C SER B 121 11.33 17.02 -3.68
N MET B 122 11.54 17.03 -2.37
CA MET B 122 12.17 18.14 -1.66
C MET B 122 13.68 17.98 -1.65
N GLY B 123 14.16 16.84 -2.15
CA GLY B 123 15.59 16.58 -2.20
C GLY B 123 16.06 15.68 -1.08
N LEU B 124 15.10 15.15 -0.32
CA LEU B 124 15.37 14.24 0.79
C LEU B 124 15.40 12.79 0.29
N GLY B 125 15.79 11.89 1.16
CA GLY B 125 15.84 10.48 0.82
C GLY B 125 15.20 9.62 1.90
N GLY B 126 14.95 8.36 1.59
CA GLY B 126 14.35 7.47 2.56
C GLY B 126 14.34 6.02 2.18
N VAL B 127 13.88 5.19 3.11
CA VAL B 127 13.80 3.75 2.90
C VAL B 127 12.72 3.20 3.83
N TYR B 128 11.96 2.25 3.33
CA TYR B 128 10.93 1.59 4.14
C TYR B 128 11.66 0.58 5.02
N ILE B 129 11.13 0.36 6.22
CA ILE B 129 11.74 -0.59 7.17
C ILE B 129 10.71 -1.63 7.59
N GLY B 130 10.68 -2.75 6.86
CA GLY B 130 9.78 -3.84 7.16
C GLY B 130 10.37 -4.72 8.25
N GLY B 131 11.67 -4.53 8.51
CA GLY B 131 12.41 -5.26 9.52
C GLY B 131 11.83 -5.20 10.93
N LEU B 132 10.97 -4.21 11.19
CA LEU B 132 10.30 -4.05 12.49
C LEU B 132 9.44 -5.26 12.83
N ARG B 133 8.99 -5.97 11.79
CA ARG B 133 8.17 -7.16 11.96
C ARG B 133 8.93 -8.36 12.52
N ASN B 134 10.27 -8.29 12.53
CA ASN B 134 11.14 -9.34 13.10
C ASN B 134 10.79 -9.56 14.58
N SER B 135 10.54 -8.45 15.28
CA SER B 135 10.19 -8.45 16.70
C SER B 135 8.93 -7.60 16.88
N ALA B 136 7.89 -7.91 16.11
CA ALA B 136 6.61 -7.19 16.11
C ALA B 136 5.95 -6.97 17.48
N ALA B 137 5.93 -8.01 18.31
CA ALA B 137 5.34 -7.95 19.65
C ALA B 137 6.10 -7.02 20.61
N GLN B 138 7.43 -7.00 20.49
CA GLN B 138 8.28 -6.15 21.32
C GLN B 138 8.24 -4.69 20.83
N VAL B 139 8.11 -4.49 19.51
CA VAL B 139 8.01 -3.14 18.91
C VAL B 139 6.65 -2.53 19.32
N ASP B 140 5.60 -3.36 19.31
CA ASP B 140 4.22 -3.01 19.69
C ASP B 140 4.16 -2.52 21.15
N GLU B 141 4.77 -3.29 22.07
CA GLU B 141 4.81 -2.94 23.50
C GLU B 141 5.59 -1.64 23.75
N LEU B 142 6.66 -1.40 22.99
CA LEU B 142 7.50 -0.21 23.10
C LEU B 142 6.79 1.06 22.70
N LEU B 143 5.96 0.99 21.65
CA LEU B 143 5.22 2.14 21.16
C LEU B 143 3.86 2.30 21.84
N GLY B 144 3.52 1.35 22.72
CA GLY B 144 2.27 1.38 23.48
C GLY B 144 0.96 1.26 22.68
N LEU B 145 0.99 0.47 21.60
CA LEU B 145 -0.17 0.26 20.76
C LEU B 145 -1.25 -0.53 21.50
N PRO B 146 -2.50 -0.02 21.50
CA PRO B 146 -3.65 -0.64 22.18
C PRO B 146 -4.24 -1.80 21.35
N GLU B 147 -5.34 -2.37 21.83
CA GLU B 147 -6.04 -3.46 21.12
C GLU B 147 -6.56 -2.85 19.81
N ASN B 148 -6.77 -3.70 18.79
CA ASN B 148 -7.26 -3.29 17.45
C ASN B 148 -6.27 -2.40 16.66
N SER B 149 -5.01 -2.50 17.03
CA SER B 149 -3.95 -1.73 16.39
C SER B 149 -2.72 -2.64 16.21
N ALA B 150 -1.99 -2.46 15.12
CA ALA B 150 -0.81 -3.28 14.85
C ALA B 150 0.22 -2.57 13.99
N VAL B 151 1.50 -2.85 14.24
CA VAL B 151 2.62 -2.28 13.49
C VAL B 151 2.81 -3.04 12.17
N LEU B 152 3.10 -2.29 11.11
CA LEU B 152 3.34 -2.88 9.79
C LEU B 152 4.76 -2.68 9.32
N PHE B 153 5.20 -1.42 9.30
CA PHE B 153 6.56 -1.07 8.85
C PHE B 153 6.92 0.33 9.29
N GLY B 154 8.21 0.64 9.20
CA GLY B 154 8.69 1.96 9.55
C GLY B 154 9.22 2.63 8.28
N MET B 155 9.68 3.86 8.42
CA MET B 155 10.23 4.63 7.30
C MET B 155 11.29 5.62 7.76
N CYS B 156 12.49 5.49 7.22
CA CYS B 156 13.59 6.40 7.54
C CYS B 156 13.53 7.55 6.55
N LEU B 157 13.69 8.79 7.03
CA LEU B 157 13.70 9.98 6.16
C LEU B 157 14.86 10.89 6.57
N GLY B 158 15.49 11.55 5.60
CA GLY B 158 16.58 12.46 5.91
C GLY B 158 17.36 12.88 4.68
N HIS B 159 18.37 13.73 4.85
CA HIS B 159 19.21 14.20 3.76
C HIS B 159 20.18 13.08 3.36
N PRO B 160 20.26 12.73 2.07
CA PRO B 160 21.15 11.66 1.60
C PRO B 160 22.66 11.89 1.72
N ASP B 161 23.38 10.84 2.09
CA ASP B 161 24.85 10.87 2.19
C ASP B 161 25.42 9.74 1.33
N GLN B 162 24.65 9.39 0.28
CA GLN B 162 25.02 8.38 -0.69
C GLN B 162 24.21 8.64 -1.96
N ASN B 163 24.68 8.09 -3.09
CA ASN B 163 24.03 8.26 -4.39
C ASN B 163 24.02 6.93 -5.17
N PRO B 164 23.14 5.97 -4.78
CA PRO B 164 23.04 4.65 -5.44
C PRO B 164 22.45 4.78 -6.84
N GLU B 165 22.78 3.83 -7.73
CA GLU B 165 22.22 3.83 -9.07
C GLU B 165 20.83 3.20 -8.98
N VAL B 166 19.91 3.64 -9.85
CA VAL B 166 18.54 3.12 -9.91
C VAL B 166 18.57 1.62 -10.26
N LYS B 167 17.85 0.84 -9.46
CA LYS B 167 17.75 -0.62 -9.60
C LYS B 167 16.68 -1.04 -10.60
N PRO B 168 17.04 -1.86 -11.61
CA PRO B 168 16.03 -2.30 -12.59
C PRO B 168 15.03 -3.31 -12.01
N ARG B 169 13.80 -3.28 -12.53
CA ARG B 169 12.76 -4.20 -12.11
C ARG B 169 12.48 -5.11 -13.26
N LEU B 170 11.61 -6.09 -13.02
CA LEU B 170 11.17 -7.05 -14.03
C LEU B 170 10.51 -6.24 -15.14
N PRO B 171 10.64 -6.65 -16.41
CA PRO B 171 10.00 -5.88 -17.49
C PRO B 171 8.47 -5.81 -17.41
N ALA B 172 7.90 -4.75 -17.98
CA ALA B 172 6.46 -4.51 -18.00
C ALA B 172 5.65 -5.69 -18.54
N HIS B 173 6.17 -6.40 -19.55
CA HIS B 173 5.46 -7.55 -20.15
C HIS B 173 5.37 -8.79 -19.25
N VAL B 174 6.19 -8.82 -18.18
CA VAL B 174 6.17 -9.93 -17.22
C VAL B 174 5.15 -9.63 -16.11
N VAL B 175 5.19 -8.39 -15.59
CA VAL B 175 4.29 -7.95 -14.52
C VAL B 175 2.82 -7.65 -14.99
N VAL B 176 2.66 -7.10 -16.19
CA VAL B 176 1.33 -6.76 -16.74
C VAL B 176 0.81 -7.85 -17.68
N HIS B 177 -0.40 -8.32 -17.40
CA HIS B 177 -1.09 -9.36 -18.14
C HIS B 177 -2.29 -8.69 -18.81
N GLU B 178 -2.57 -9.06 -20.06
CA GLU B 178 -3.71 -8.49 -20.78
C GLU B 178 -4.90 -9.45 -20.68
N ASN B 179 -5.99 -9.00 -20.05
CA ASN B 179 -7.26 -9.71 -19.88
C ASN B 179 -7.33 -10.99 -19.05
N GLN B 180 -6.27 -11.79 -19.08
CA GLN B 180 -6.20 -13.04 -18.35
C GLN B 180 -4.76 -13.22 -17.94
N TYR B 181 -4.53 -13.95 -16.86
CA TYR B 181 -3.18 -14.24 -16.36
C TYR B 181 -2.45 -15.11 -17.40
N GLN B 182 -1.24 -14.69 -17.75
CA GLN B 182 -0.40 -15.37 -18.73
C GLN B 182 0.72 -16.12 -18.01
N GLU B 183 1.05 -17.31 -18.50
CA GLU B 183 2.11 -18.14 -17.90
C GLU B 183 3.50 -17.51 -18.09
N LEU B 184 4.37 -17.79 -17.13
CA LEU B 184 5.73 -17.27 -17.12
C LEU B 184 6.67 -17.99 -18.09
N ASN B 185 7.43 -17.19 -18.84
CA ASN B 185 8.44 -17.69 -19.76
C ASN B 185 9.74 -17.53 -18.93
N LEU B 186 10.34 -18.66 -18.55
CA LEU B 186 11.56 -18.64 -17.74
C LEU B 186 12.76 -17.94 -18.36
N ASP B 187 12.70 -17.72 -19.67
CA ASP B 187 13.76 -16.99 -20.38
C ASP B 187 13.82 -15.53 -19.93
N ASP B 188 12.65 -14.95 -19.61
CA ASP B 188 12.54 -13.56 -19.15
C ASP B 188 13.15 -13.37 -17.77
N ILE B 189 13.06 -14.42 -16.93
CA ILE B 189 13.63 -14.43 -15.57
C ILE B 189 15.16 -14.53 -15.70
N GLN B 190 15.64 -15.32 -16.67
CA GLN B 190 17.07 -15.46 -16.89
C GLN B 190 17.66 -14.15 -17.41
N SER B 191 16.91 -13.47 -18.31
CA SER B 191 17.33 -12.20 -18.89
C SER B 191 17.40 -11.15 -17.79
N TYR B 192 16.47 -11.23 -16.84
CA TYR B 192 16.45 -10.31 -15.72
C TYR B 192 17.59 -10.55 -14.72
N ASP B 193 17.89 -11.82 -14.45
CA ASP B 193 18.98 -12.21 -13.57
C ASP B 193 20.31 -11.69 -14.12
N GLN B 194 20.46 -11.71 -15.45
CA GLN B 194 21.67 -11.22 -16.13
C GLN B 194 21.79 -9.70 -16.03
N THR B 195 20.64 -9.01 -16.06
CA THR B 195 20.57 -7.55 -15.93
C THR B 195 20.95 -7.13 -14.49
N MET B 196 20.53 -7.95 -13.51
CA MET B 196 20.83 -7.71 -12.09
C MET B 196 22.26 -8.08 -11.71
N GLN B 197 22.87 -9.02 -12.44
CA GLN B 197 24.25 -9.43 -12.19
C GLN B 197 25.17 -8.28 -12.66
N ALA B 198 24.77 -7.61 -13.75
CA ALA B 198 25.51 -6.49 -14.33
C ALA B 198 25.43 -5.24 -13.45
N TYR B 199 24.32 -5.12 -12.71
CA TYR B 199 24.08 -4.01 -11.78
C TYR B 199 25.02 -4.11 -10.58
N TYR B 200 25.16 -5.34 -10.06
CA TYR B 200 26.02 -5.67 -8.92
C TYR B 200 27.46 -5.91 -9.37
N SER B 210 25.41 -15.70 -6.66
CA SER B 210 24.01 -16.13 -6.68
C SER B 210 23.13 -15.08 -7.37
N THR B 211 22.18 -15.54 -8.18
CA THR B 211 21.27 -14.67 -8.94
C THR B 211 20.05 -14.16 -8.14
N TRP B 212 19.36 -13.14 -8.68
CA TRP B 212 18.16 -12.56 -8.08
C TRP B 212 17.11 -13.64 -7.84
N SER B 213 16.78 -14.42 -8.88
CA SER B 213 15.77 -15.49 -8.79
C SER B 213 16.07 -16.57 -7.76
N GLN B 214 17.34 -16.96 -7.64
CA GLN B 214 17.78 -17.97 -6.68
C GLN B 214 17.80 -17.39 -5.25
N GLU B 215 18.15 -16.11 -5.12
CA GLU B 215 18.21 -15.42 -3.82
C GLU B 215 16.81 -15.21 -3.21
N VAL B 216 15.87 -14.72 -4.01
CA VAL B 216 14.50 -14.48 -3.52
C VAL B 216 13.69 -15.75 -3.29
N THR B 217 13.79 -16.72 -4.20
CA THR B 217 13.07 -17.99 -4.02
C THR B 217 13.70 -18.84 -2.91
N GLY B 218 15.00 -18.62 -2.66
CA GLY B 218 15.71 -19.31 -1.58
C GLY B 218 15.17 -18.84 -0.23
N LYS B 219 14.86 -17.54 -0.13
CA LYS B 219 14.29 -16.94 1.08
C LYS B 219 12.86 -17.44 1.30
N LEU B 220 12.11 -17.58 0.21
CA LEU B 220 10.71 -18.04 0.26
C LEU B 220 10.57 -19.55 0.46
N ALA B 221 11.66 -20.28 0.30
CA ALA B 221 11.69 -21.73 0.50
C ALA B 221 11.79 -22.01 1.99
N GLY B 222 12.20 -21.00 2.76
CA GLY B 222 12.28 -21.13 4.21
C GLY B 222 10.98 -20.59 4.80
N GLU B 223 10.94 -20.33 6.10
CA GLU B 223 9.72 -19.82 6.75
C GLU B 223 9.78 -18.30 6.80
N SER B 224 8.69 -17.64 6.41
CA SER B 224 8.65 -16.19 6.39
C SER B 224 7.90 -15.66 7.60
N ARG B 225 8.66 -15.16 8.59
CA ARG B 225 8.14 -14.60 9.85
C ARG B 225 6.87 -15.32 10.35
N PRO B 226 6.98 -16.62 10.74
CA PRO B 226 5.83 -17.40 11.22
C PRO B 226 5.06 -16.89 12.43
N HIS B 227 5.65 -15.92 13.15
CA HIS B 227 5.06 -15.31 14.34
C HIS B 227 4.05 -14.19 14.01
N ILE B 228 3.94 -13.82 12.74
CA ILE B 228 3.05 -12.74 12.31
C ILE B 228 1.54 -12.88 12.51
N LEU B 229 0.93 -14.02 12.12
CA LEU B 229 -0.51 -14.21 12.35
C LEU B 229 -0.81 -14.23 13.87
N PRO B 230 0.00 -14.95 14.69
CA PRO B 230 -0.28 -14.93 16.13
C PRO B 230 -0.16 -13.51 16.73
N TYR B 231 0.73 -12.68 16.16
CA TYR B 231 0.91 -11.30 16.61
C TYR B 231 -0.37 -10.50 16.32
N LEU B 232 -0.83 -10.53 15.06
CA LEU B 232 -2.05 -9.83 14.65
C LEU B 232 -3.22 -10.30 15.51
N ASN B 233 -3.31 -11.63 15.74
CA ASN B 233 -4.38 -12.23 16.55
C ASN B 233 -4.35 -11.74 18.00
N SER B 234 -3.14 -11.53 18.53
CA SER B 234 -2.96 -11.06 19.91
C SER B 234 -3.44 -9.63 20.06
N LYS B 235 -3.54 -8.91 18.94
CA LYS B 235 -4.03 -7.55 18.93
C LYS B 235 -5.49 -7.47 18.54
N GLY B 236 -6.11 -8.62 18.32
CA GLY B 236 -7.51 -8.68 17.96
C GLY B 236 -7.79 -8.56 16.47
N LEU B 237 -6.76 -8.73 15.64
CA LEU B 237 -6.89 -8.60 14.19
C LEU B 237 -6.70 -9.93 13.46
N ALA B 238 -7.32 -10.06 12.28
CA ALA B 238 -7.22 -11.24 11.42
C ALA B 238 -7.52 -12.58 12.08
N LYS B 239 -8.58 -12.61 12.90
CA LYS B 239 -8.97 -13.83 13.60
C LYS B 239 -9.95 -14.71 12.83
N ARG B 240 -10.65 -14.11 11.87
CA ARG B 240 -11.63 -14.82 11.03
C ARG B 240 -11.77 -14.15 9.67
P PO4 C . -16.22 3.08 -1.06
O1 PO4 C . -16.91 2.37 0.10
O2 PO4 C . -14.77 3.39 -0.81
O3 PO4 C . -16.38 2.02 -2.13
O4 PO4 C . -17.12 4.28 -1.42
N1 FMN D . -14.31 4.40 -4.38
C2 FMN D . -15.38 3.93 -5.10
O2 FMN D . -16.27 4.62 -5.54
N3 FMN D . -15.38 2.55 -5.23
C4 FMN D . -14.56 1.62 -4.53
O4 FMN D . -14.80 0.44 -4.67
C4A FMN D . -13.55 2.21 -3.71
N5 FMN D . -12.57 1.35 -3.23
C5A FMN D . -11.39 1.86 -2.67
C6 FMN D . -10.39 0.95 -2.34
C7 FMN D . -9.18 1.40 -1.84
C7M FMN D . -8.04 0.34 -1.70
C8 FMN D . -8.97 2.79 -1.61
C8M FMN D . -7.76 3.35 -0.96
C9 FMN D . -9.95 3.70 -1.94
C9A FMN D . -11.20 3.26 -2.48
N10 FMN D . -12.24 4.14 -2.93
C10 FMN D . -13.37 3.65 -3.63
C1' FMN D . -12.05 5.50 -2.98
C2' FMN D . -12.66 6.32 -1.87
O2' FMN D . -13.87 6.04 -1.33
C3' FMN D . -11.92 7.52 -1.43
O3' FMN D . -10.52 7.46 -1.52
C4' FMN D . -12.43 8.45 -0.37
O4' FMN D . -13.78 8.39 0.02
C5' FMN D . -11.70 9.66 -0.02
O5' FMN D . -12.03 10.54 -1.13
P FMN D . -10.97 11.07 -2.26
O1P FMN D . -10.09 11.96 -1.50
O2P FMN D . -11.86 11.69 -3.27
O3P FMN D . -10.16 9.94 -2.73
P PO4 E . 14.93 -5.85 2.73
O1 PO4 E . 15.04 -7.37 2.73
O2 PO4 E . 13.89 -5.24 1.86
O3 PO4 E . 14.52 -5.72 4.16
O4 PO4 E . 16.36 -5.53 2.30
N1 FMN F . 15.17 -2.01 2.97
C2 FMN F . 16.03 -2.17 4.03
O2 FMN F . 17.21 -1.92 3.95
N3 FMN F . 15.41 -2.66 5.18
C4 FMN F . 14.04 -2.95 5.37
O4 FMN F . 13.65 -3.32 6.48
C4A FMN F . 13.24 -2.81 4.14
N5 FMN F . 11.86 -2.96 4.27
C5A FMN F . 10.99 -2.70 3.22
C6 FMN F . 9.63 -2.86 3.44
C7 FMN F . 8.74 -2.49 2.44
C7M FMN F . 7.27 -2.31 2.85
C8 FMN F . 9.20 -2.10 1.13
C8M FMN F . 8.29 -1.76 -0.02
C9 FMN F . 10.57 -2.00 0.87
C9A FMN F . 11.51 -2.24 1.93
N10 FMN F . 12.93 -2.04 1.81
C10 FMN F . 13.79 -2.29 2.91
C1' FMN F . 13.49 -1.39 0.74
C2' FMN F . 14.16 -2.24 -0.37
O2' FMN F . 14.63 -3.54 -0.15
C3' FMN F . 13.93 -1.84 -1.76
O3' FMN F . 12.73 -1.15 -2.06
C4' FMN F . 14.54 -2.58 -2.92
O4' FMN F . 15.47 -3.64 -2.74
C5' FMN F . 14.35 -2.02 -4.28
O5' FMN F . 15.36 -0.97 -4.24
P FMN F . 15.08 0.58 -4.39
O1P FMN F . 14.68 0.69 -5.78
O2P FMN F . 16.39 1.17 -4.09
O3P FMN F . 14.02 0.98 -3.44
#